data_4F1Y
#
_entry.id   4F1Y
#
_cell.length_a   50.183
_cell.length_b   96.846
_cell.length_c   62.229
_cell.angle_alpha   90.00
_cell.angle_beta   107.15
_cell.angle_gamma   90.00
#
_symmetry.space_group_name_H-M   'P 1 21 1'
#
loop_
_entity.id
_entity.type
_entity.pdbx_description
1 polymer 'Glutamate receptor 3'
2 non-polymer 7-nitro-2,3-dioxo-2,3-dihydroquinoxaline-6-carbonitrile
3 non-polymer 'ZINC ION'
4 water water
#
_entity_poly.entity_id   1
_entity_poly.type   'polypeptide(L)'
_entity_poly.pdbx_seq_one_letter_code
;RTIVVTTILESPYVMYKKNHEQLEGNERYEGYCVDLAYEIAKHVRIKYKLSIVGDGKYGARDPETKIWNGMVGELVYGRA
DIAVAPLTITLVREEVIDFSKPFMSLGISIMIKKGTPIESAEDLAKQTEIAYGTLDSGSTKEFFRRSKIAVYEKMWSYMK
SAEPSVFTKTTADGVARVRKSKGKFAFLLESTMNEYIEQRKPCDTMKVGGNLDSKGYGVATPKGSALGNAVNLAVLKLNE
QGLLDKLKNKWWYDKGEC
;
_entity_poly.pdbx_strand_id   A,C
#
loop_
_chem_comp.id
_chem_comp.type
_chem_comp.name
_chem_comp.formula
CNI non-polymer 7-nitro-2,3-dioxo-2,3-dihydroquinoxaline-6-carbonitrile 'C9 H2 N4 O4'
ZN non-polymer 'ZINC ION' 'Zn 2'
#
# COMPACT_ATOMS: atom_id res chain seq x y z
N ARG A 1 29.02 -1.33 17.23
CA ARG A 1 29.04 -2.64 16.59
C ARG A 1 28.63 -2.51 15.13
N THR A 2 29.04 -3.47 14.31
CA THR A 2 28.51 -3.58 12.97
C THR A 2 27.21 -4.36 13.04
N ILE A 3 26.16 -3.74 12.51
CA ILE A 3 24.82 -4.32 12.52
C ILE A 3 24.69 -5.40 11.44
N VAL A 4 24.06 -6.51 11.78
CA VAL A 4 23.86 -7.62 10.85
C VAL A 4 22.50 -7.48 10.16
N VAL A 5 22.53 -7.37 8.83
CA VAL A 5 21.33 -7.24 8.03
C VAL A 5 21.08 -8.53 7.28
N THR A 6 20.09 -9.31 7.70
CA THR A 6 19.76 -10.54 7.02
C THR A 6 18.92 -10.18 5.80
N THR A 7 19.15 -10.86 4.70
CA THR A 7 18.40 -10.60 3.48
C THR A 7 18.28 -11.90 2.70
N ILE A 8 17.68 -11.85 1.53
CA ILE A 8 17.45 -13.09 0.80
C ILE A 8 17.78 -12.93 -0.69
N LEU A 9 18.34 -13.99 -1.29
CA LEU A 9 18.63 -14.00 -2.73
C LEU A 9 17.36 -14.16 -3.53
N GLU A 10 16.78 -13.04 -3.93
CA GLU A 10 15.55 -12.99 -4.69
C GLU A 10 15.75 -11.83 -5.66
N SER A 11 15.60 -12.09 -6.95
CA SER A 11 15.79 -11.05 -7.96
C SER A 11 14.53 -10.20 -8.09
N PRO A 12 14.69 -8.87 -8.25
CA PRO A 12 15.94 -8.12 -8.30
C PRO A 12 16.33 -7.46 -6.97
N TYR A 13 15.86 -8.02 -5.87
CA TYR A 13 16.12 -7.46 -4.54
C TYR A 13 17.59 -7.61 -4.11
N VAL A 14 18.09 -8.84 -4.20
CA VAL A 14 19.49 -9.09 -3.91
C VAL A 14 19.98 -10.15 -4.90
N MET A 15 21.05 -9.82 -5.62
CA MET A 15 21.61 -10.71 -6.63
C MET A 15 23.12 -10.60 -6.56
N TYR A 16 23.82 -11.67 -6.94
CA TYR A 16 25.28 -11.62 -7.04
C TYR A 16 25.76 -10.70 -8.16
N LYS A 17 26.80 -9.92 -7.88
CA LYS A 17 27.47 -9.16 -8.91
C LYS A 17 28.15 -10.18 -9.81
N LYS A 18 28.52 -9.77 -11.03
CA LYS A 18 29.03 -10.72 -12.01
C LYS A 18 30.27 -11.48 -11.55
N ASN A 19 31.24 -10.76 -10.97
CA ASN A 19 32.49 -11.38 -10.56
C ASN A 19 32.55 -11.56 -9.05
N HIS A 20 31.39 -11.80 -8.43
CA HIS A 20 31.28 -11.81 -6.99
C HIS A 20 32.29 -12.75 -6.34
N GLU A 21 32.74 -13.76 -7.09
CA GLU A 21 33.79 -14.64 -6.63
C GLU A 21 35.01 -13.82 -6.21
N GLN A 22 35.23 -12.73 -6.93
CA GLN A 22 36.39 -11.87 -6.73
C GLN A 22 36.17 -10.77 -5.71
N LEU A 23 34.94 -10.65 -5.21
CA LEU A 23 34.60 -9.54 -4.32
C LEU A 23 34.39 -9.94 -2.86
N GLU A 24 34.31 -8.92 -2.01
CA GLU A 24 34.26 -9.11 -0.57
C GLU A 24 33.11 -8.31 0.06
N GLY A 25 32.55 -8.85 1.14
CA GLY A 25 31.57 -8.13 1.94
C GLY A 25 30.31 -7.71 1.19
N ASN A 26 29.83 -6.51 1.49
CA ASN A 26 28.64 -5.96 0.84
C ASN A 26 28.82 -5.82 -0.67
N GLU A 27 30.06 -5.72 -1.14
CA GLU A 27 30.35 -5.55 -2.55
C GLU A 27 29.95 -6.74 -3.41
N ARG A 28 29.71 -7.88 -2.77
CA ARG A 28 29.35 -9.09 -3.50
C ARG A 28 27.98 -8.98 -4.17
N TYR A 29 27.16 -8.05 -3.68
CA TYR A 29 25.73 -8.07 -3.99
C TYR A 29 25.23 -6.78 -4.65
N GLU A 30 24.14 -6.89 -5.41
CA GLU A 30 23.47 -5.71 -5.93
C GLU A 30 21.96 -5.94 -5.99
N GLY A 31 21.20 -4.86 -6.12
CA GLY A 31 19.77 -4.99 -6.30
C GLY A 31 18.99 -3.95 -5.52
N TYR A 32 17.66 -4.05 -5.61
CA TYR A 32 16.77 -3.11 -4.92
C TYR A 32 17.04 -3.01 -3.40
N CYS A 33 17.12 -4.16 -2.72
CA CYS A 33 17.30 -4.16 -1.27
C CYS A 33 18.73 -3.84 -0.85
N VAL A 34 19.70 -4.13 -1.72
CA VAL A 34 21.07 -3.65 -1.49
C VAL A 34 21.08 -2.13 -1.44
N ASP A 35 20.48 -1.50 -2.45
CA ASP A 35 20.33 -0.05 -2.50
C ASP A 35 19.53 0.44 -1.29
N LEU A 36 18.46 -0.28 -0.94
CA LEU A 36 17.61 0.18 0.16
C LEU A 36 18.36 0.17 1.49
N ALA A 37 19.00 -0.96 1.80
CA ALA A 37 19.79 -1.05 3.03
C ALA A 37 20.83 0.05 3.09
N TYR A 38 21.42 0.37 1.94
CA TYR A 38 22.42 1.43 1.86
C TYR A 38 21.84 2.78 2.29
N GLU A 39 20.65 3.08 1.78
CA GLU A 39 20.00 4.37 2.04
C GLU A 39 19.48 4.47 3.48
N ILE A 40 18.88 3.38 3.95
CA ILE A 40 18.45 3.31 5.34
C ILE A 40 19.62 3.50 6.31
N ALA A 41 20.72 2.80 6.08
CA ALA A 41 21.86 2.87 6.98
C ALA A 41 22.48 4.27 6.96
N LYS A 42 22.33 4.95 5.84
CA LYS A 42 22.80 6.32 5.72
C LYS A 42 21.97 7.22 6.65
N HIS A 43 20.66 7.07 6.62
CA HIS A 43 19.77 7.91 7.43
C HIS A 43 19.77 7.54 8.91
N VAL A 44 19.98 6.27 9.21
CA VAL A 44 20.02 5.77 10.58
C VAL A 44 21.43 5.93 11.17
N ARG A 45 22.43 6.14 10.30
CA ARG A 45 23.81 6.36 10.73
C ARG A 45 24.45 5.10 11.34
N ILE A 46 24.41 4.00 10.58
CA ILE A 46 24.99 2.75 11.06
C ILE A 46 25.91 2.12 10.03
N LYS A 47 26.91 1.40 10.53
CA LYS A 47 27.70 0.50 9.70
C LYS A 47 26.98 -0.83 9.70
N TYR A 48 27.07 -1.57 8.61
CA TYR A 48 26.30 -2.80 8.49
C TYR A 48 26.93 -3.81 7.55
N LYS A 49 26.57 -5.06 7.75
CA LYS A 49 27.00 -6.12 6.85
C LYS A 49 25.83 -6.99 6.45
N LEU A 50 25.64 -7.12 5.15
CA LEU A 50 24.59 -7.97 4.60
C LEU A 50 24.90 -9.43 4.85
N SER A 51 23.87 -10.19 5.19
CA SER A 51 24.01 -11.61 5.44
C SER A 51 22.86 -12.38 4.78
N ILE A 52 23.21 -13.25 3.84
CA ILE A 52 22.21 -14.01 3.11
C ILE A 52 21.68 -15.11 4.02
N VAL A 53 20.37 -15.15 4.20
CA VAL A 53 19.75 -16.14 5.09
C VAL A 53 20.11 -17.56 4.68
N GLY A 54 20.53 -18.36 5.64
CA GLY A 54 21.08 -19.68 5.38
C GLY A 54 20.12 -20.75 4.88
N ASP A 55 18.82 -20.55 5.06
CA ASP A 55 17.84 -21.52 4.58
C ASP A 55 17.02 -21.02 3.40
N GLY A 56 17.31 -19.80 2.96
CA GLY A 56 16.65 -19.24 1.79
C GLY A 56 15.16 -19.04 1.96
N LYS A 57 14.73 -18.85 3.21
CA LYS A 57 13.30 -18.71 3.51
C LYS A 57 12.97 -17.34 4.06
N TYR A 58 11.72 -16.93 3.88
CA TYR A 58 11.24 -15.66 4.41
C TYR A 58 10.96 -15.77 5.89
N GLY A 59 10.06 -16.66 6.26
CA GLY A 59 9.82 -16.85 7.68
C GLY A 59 8.45 -17.37 8.03
N ALA A 60 8.41 -18.64 8.43
CA ALA A 60 7.17 -19.27 8.85
C ALA A 60 7.42 -20.11 10.09
N ARG A 61 6.35 -20.33 10.87
CA ARG A 61 6.43 -21.13 12.09
CA ARG A 61 6.44 -21.12 12.09
C ARG A 61 5.93 -22.55 11.85
N ASP A 62 6.81 -23.53 12.05
CA ASP A 62 6.46 -24.94 11.89
C ASP A 62 5.32 -25.33 12.83
N PRO A 63 4.22 -25.85 12.25
CA PRO A 63 2.99 -26.13 13.00
C PRO A 63 3.22 -27.10 14.16
N GLU A 64 4.33 -27.83 14.09
CA GLU A 64 4.74 -28.80 15.09
C GLU A 64 5.79 -28.24 16.04
N THR A 65 7.07 -28.28 15.66
CA THR A 65 8.10 -27.78 16.55
C THR A 65 7.87 -26.33 16.95
N LYS A 66 6.98 -25.40 16.28
CA LYS A 66 6.77 -23.98 16.59
C LYS A 66 8.04 -23.14 16.49
N ILE A 67 9.02 -23.64 15.74
CA ILE A 67 10.27 -22.93 15.46
C ILE A 67 10.13 -22.06 14.20
N TRP A 68 10.60 -20.82 14.25
CA TRP A 68 10.57 -19.93 13.09
C TRP A 68 11.79 -20.15 12.20
N ASN A 69 11.54 -20.29 10.90
CA ASN A 69 12.63 -20.39 9.93
C ASN A 69 12.91 -19.04 9.25
N GLY A 70 13.80 -19.06 8.26
CA GLY A 70 14.05 -17.89 7.44
C GLY A 70 14.56 -16.68 8.19
N MET A 71 14.35 -15.50 7.59
CA MET A 71 14.79 -14.23 8.17
C MET A 71 14.08 -13.90 9.49
N VAL A 72 12.81 -14.28 9.58
CA VAL A 72 12.10 -14.09 10.84
C VAL A 72 12.81 -14.84 11.97
N GLY A 73 13.20 -16.08 11.72
CA GLY A 73 13.98 -16.85 12.68
C GLY A 73 15.30 -16.18 13.05
N GLU A 74 15.98 -15.60 12.07
CA GLU A 74 17.24 -14.90 12.33
C GLU A 74 17.06 -13.76 13.34
N LEU A 75 15.93 -13.07 13.23
CA LEU A 75 15.62 -11.99 14.16
C LEU A 75 15.23 -12.51 15.54
N VAL A 76 14.31 -13.47 15.60
CA VAL A 76 13.79 -13.93 16.89
C VAL A 76 14.81 -14.74 17.72
N TYR A 77 15.72 -15.43 17.06
CA TYR A 77 16.72 -16.21 17.78
C TYR A 77 18.06 -15.47 17.87
N GLY A 78 18.04 -14.19 17.54
CA GLY A 78 19.12 -13.28 17.87
C GLY A 78 20.36 -13.22 17.00
N ARG A 79 20.30 -13.73 15.78
CA ARG A 79 21.46 -13.69 14.89
C ARG A 79 21.53 -12.44 14.02
N ALA A 80 20.40 -11.82 13.74
CA ALA A 80 20.40 -10.64 12.89
C ALA A 80 19.74 -9.48 13.61
N ASP A 81 20.18 -8.27 13.28
CA ASP A 81 19.65 -7.06 13.89
C ASP A 81 18.46 -6.48 13.12
N ILE A 82 18.47 -6.69 11.81
CA ILE A 82 17.40 -6.18 10.95
C ILE A 82 17.30 -7.04 9.69
N ALA A 83 16.09 -7.14 9.14
CA ALA A 83 15.89 -7.78 7.84
C ALA A 83 15.48 -6.74 6.82
N VAL A 84 16.29 -6.60 5.76
CA VAL A 84 15.91 -5.72 4.64
C VAL A 84 15.69 -6.61 3.42
N ALA A 85 14.43 -6.82 3.06
CA ALA A 85 14.04 -7.83 2.06
C ALA A 85 12.56 -7.65 1.78
N PRO A 86 12.08 -8.27 0.69
CA PRO A 86 10.64 -8.21 0.36
C PRO A 86 9.87 -9.14 1.28
N LEU A 87 9.90 -8.84 2.57
CA LEU A 87 9.23 -9.63 3.58
C LEU A 87 7.83 -9.07 3.80
N THR A 88 6.83 -9.89 3.51
CA THR A 88 5.44 -9.42 3.62
C THR A 88 5.00 -9.16 5.05
N ILE A 89 4.33 -8.03 5.26
CA ILE A 89 3.80 -7.72 6.55
C ILE A 89 2.55 -8.54 6.83
N THR A 90 2.63 -9.42 7.84
CA THR A 90 1.51 -10.28 8.16
C THR A 90 1.27 -10.31 9.68
N LEU A 91 0.06 -10.68 10.07
CA LEU A 91 -0.33 -10.74 11.47
C LEU A 91 0.60 -11.67 12.27
N VAL A 92 0.79 -12.90 11.83
CA VAL A 92 1.60 -13.84 12.61
C VAL A 92 3.05 -13.38 12.76
N ARG A 93 3.56 -12.69 11.76
CA ARG A 93 4.92 -12.17 11.82
C ARG A 93 5.02 -10.97 12.75
N GLU A 94 4.05 -10.07 12.65
CA GLU A 94 4.04 -8.84 13.45
C GLU A 94 3.90 -9.18 14.94
N GLU A 95 3.40 -10.37 15.23
CA GLU A 95 3.30 -10.81 16.63
C GLU A 95 4.66 -11.10 17.24
N VAL A 96 5.66 -11.36 16.39
CA VAL A 96 6.98 -11.74 16.91
C VAL A 96 8.13 -10.80 16.47
N ILE A 97 7.91 -10.00 15.43
CA ILE A 97 8.87 -8.95 15.11
C ILE A 97 8.13 -7.65 14.85
N ASP A 98 8.86 -6.55 14.73
CA ASP A 98 8.27 -5.27 14.36
C ASP A 98 8.56 -5.00 12.89
N PHE A 99 7.62 -4.39 12.18
CA PHE A 99 7.87 -4.00 10.80
C PHE A 99 7.84 -2.48 10.67
N SER A 100 8.63 -1.95 9.74
CA SER A 100 8.45 -0.58 9.29
C SER A 100 7.14 -0.45 8.53
N LYS A 101 6.70 0.78 8.29
CA LYS A 101 5.66 1.00 7.30
C LYS A 101 6.15 0.45 5.97
N PRO A 102 5.21 0.06 5.09
CA PRO A 102 5.57 -0.63 3.84
C PRO A 102 6.52 0.19 2.97
N PHE A 103 7.55 -0.44 2.39
CA PHE A 103 8.38 0.25 1.42
C PHE A 103 7.95 -0.03 -0.04
N MET A 104 7.07 -1.02 -0.21
CA MET A 104 6.57 -1.39 -1.53
C MET A 104 5.22 -2.07 -1.31
N SER A 105 4.24 -1.76 -2.15
CA SER A 105 2.95 -2.43 -2.06
C SER A 105 2.85 -3.60 -3.04
N LEU A 106 1.90 -4.50 -2.80
CA LEU A 106 1.70 -5.61 -3.71
C LEU A 106 0.40 -6.34 -3.43
N GLY A 107 0.10 -7.33 -4.26
CA GLY A 107 -1.05 -8.17 -4.03
C GLY A 107 -0.99 -9.40 -4.90
N ILE A 108 -1.86 -10.36 -4.62
CA ILE A 108 -1.93 -11.57 -5.46
C ILE A 108 -2.36 -11.17 -6.88
N SER A 109 -1.67 -11.73 -7.87
CA SER A 109 -1.93 -11.40 -9.27
C SER A 109 -1.85 -12.62 -10.16
N ILE A 110 -2.37 -12.48 -11.39
CA ILE A 110 -2.41 -13.56 -12.36
C ILE A 110 -1.34 -13.38 -13.43
N MET A 111 -0.48 -14.38 -13.59
CA MET A 111 0.47 -14.41 -14.70
C MET A 111 -0.02 -15.37 -15.77
N ILE A 112 -0.07 -14.90 -17.01
CA ILE A 112 -0.42 -15.74 -18.16
C ILE A 112 0.68 -15.72 -19.21
N LYS A 113 0.71 -16.75 -20.06
CA LYS A 113 1.47 -16.66 -21.30
C LYS A 113 0.70 -15.71 -22.21
N LYS A 114 1.40 -14.79 -22.86
CA LYS A 114 0.75 -13.85 -23.78
C LYS A 114 -0.12 -14.63 -24.77
N GLY A 115 -1.33 -14.15 -25.01
CA GLY A 115 -2.22 -14.81 -25.96
C GLY A 115 -3.30 -15.65 -25.31
N THR A 116 -3.10 -16.00 -24.05
CA THR A 116 -4.10 -16.75 -23.27
C THR A 116 -5.38 -15.91 -23.10
N PRO A 117 -6.55 -16.48 -23.42
CA PRO A 117 -7.79 -15.71 -23.28
C PRO A 117 -8.28 -15.62 -21.84
N ILE A 118 -7.53 -14.89 -21.02
CA ILE A 118 -7.86 -14.69 -19.61
C ILE A 118 -7.52 -13.25 -19.24
N GLU A 119 -8.46 -12.58 -18.58
CA GLU A 119 -8.24 -11.20 -18.19
C GLU A 119 -8.58 -10.92 -16.74
N SER A 120 -8.98 -11.95 -16.00
CA SER A 120 -9.38 -11.77 -14.61
C SER A 120 -9.59 -13.09 -13.89
N ALA A 121 -9.67 -13.01 -12.57
CA ALA A 121 -9.98 -14.18 -11.74
C ALA A 121 -11.30 -14.80 -12.17
N GLU A 122 -12.29 -13.96 -12.47
CA GLU A 122 -13.59 -14.45 -12.88
C GLU A 122 -13.48 -15.27 -14.15
N ASP A 123 -12.60 -14.85 -15.06
CA ASP A 123 -12.35 -15.61 -16.27
C ASP A 123 -11.83 -17.01 -15.98
N LEU A 124 -10.90 -17.13 -15.03
CA LEU A 124 -10.31 -18.42 -14.69
C LEU A 124 -11.33 -19.37 -14.06
N ALA A 125 -12.10 -18.85 -13.11
CA ALA A 125 -13.02 -19.66 -12.33
C ALA A 125 -14.11 -20.35 -13.15
N LYS A 126 -14.68 -19.64 -14.12
CA LYS A 126 -15.80 -20.18 -14.88
C LYS A 126 -15.39 -21.36 -15.78
N GLN A 127 -14.12 -21.39 -16.20
CA GLN A 127 -13.65 -22.39 -17.16
C GLN A 127 -12.70 -23.43 -16.53
N THR A 128 -12.30 -24.41 -17.33
CA THR A 128 -11.43 -25.49 -16.82
C THR A 128 -10.36 -25.89 -17.84
N GLU A 129 -10.54 -25.45 -19.07
CA GLU A 129 -9.60 -25.74 -20.16
C GLU A 129 -8.20 -25.23 -19.86
N ILE A 130 -8.11 -24.04 -19.26
CA ILE A 130 -6.84 -23.49 -18.82
C ILE A 130 -6.67 -23.77 -17.34
N ALA A 131 -5.63 -24.53 -17.00
CA ALA A 131 -5.34 -24.85 -15.60
C ALA A 131 -4.66 -23.67 -14.92
N TYR A 132 -4.79 -23.59 -13.60
CA TYR A 132 -4.14 -22.53 -12.85
C TYR A 132 -3.81 -23.01 -11.45
N GLY A 133 -2.68 -22.55 -10.94
CA GLY A 133 -2.26 -22.90 -9.60
C GLY A 133 -1.47 -21.83 -8.90
N THR A 134 -0.89 -22.21 -7.76
CA THR A 134 -0.09 -21.31 -6.95
C THR A 134 1.05 -22.08 -6.31
N LEU A 135 1.93 -21.35 -5.62
CA LEU A 135 2.97 -21.98 -4.81
C LEU A 135 2.31 -22.93 -3.79
N ASP A 136 2.91 -24.10 -3.60
CA ASP A 136 2.33 -25.13 -2.73
C ASP A 136 2.33 -24.73 -1.26
N SER A 137 3.26 -23.87 -0.89
CA SER A 137 3.33 -23.42 0.50
C SER A 137 3.80 -21.97 0.61
N GLY A 138 2.85 -21.08 0.89
CA GLY A 138 3.14 -19.66 1.05
C GLY A 138 2.00 -18.92 1.74
N SER A 139 1.53 -17.85 1.11
CA SER A 139 0.37 -17.10 1.63
C SER A 139 -0.68 -16.95 0.54
N THR A 140 -0.28 -17.17 -0.71
CA THR A 140 -1.23 -17.08 -1.80
C THR A 140 -2.24 -18.23 -1.71
N LYS A 141 -1.72 -19.42 -1.43
CA LYS A 141 -2.58 -20.60 -1.30
C LYS A 141 -3.53 -20.42 -0.12
N GLU A 142 -3.05 -19.75 0.92
CA GLU A 142 -3.87 -19.50 2.11
C GLU A 142 -5.00 -18.52 1.84
N PHE A 143 -4.74 -17.52 1.01
CA PHE A 143 -5.77 -16.56 0.64
C PHE A 143 -6.97 -17.28 0.04
N PHE A 144 -6.73 -18.23 -0.86
CA PHE A 144 -7.83 -18.94 -1.50
C PHE A 144 -8.46 -19.91 -0.52
N ARG A 145 -7.63 -20.58 0.27
CA ARG A 145 -8.09 -21.52 1.28
C ARG A 145 -8.94 -20.82 2.33
N ARG A 146 -8.33 -19.91 3.08
CA ARG A 146 -9.04 -19.17 4.12
C ARG A 146 -9.81 -18.00 3.52
N SER A 147 -10.44 -18.22 2.38
CA SER A 147 -11.20 -17.17 1.71
C SER A 147 -12.69 -17.49 1.66
N LYS A 148 -13.46 -16.84 2.52
CA LYS A 148 -14.89 -16.99 2.48
C LYS A 148 -15.44 -15.97 1.48
N ILE A 149 -14.96 -16.07 0.25
CA ILE A 149 -15.25 -15.11 -0.81
C ILE A 149 -15.66 -15.83 -2.10
N ALA A 150 -16.79 -15.40 -2.67
CA ALA A 150 -17.38 -16.05 -3.82
C ALA A 150 -16.39 -16.69 -4.79
N VAL A 151 -16.15 -15.99 -5.90
CA VAL A 151 -15.40 -16.54 -7.03
C VAL A 151 -14.09 -17.24 -6.62
N TYR A 152 -13.48 -16.73 -5.55
CA TYR A 152 -12.24 -17.30 -5.04
C TYR A 152 -12.47 -18.64 -4.38
N GLU A 153 -13.70 -18.85 -3.91
CA GLU A 153 -14.07 -20.10 -3.26
C GLU A 153 -14.19 -21.17 -4.33
N LYS A 154 -14.73 -20.76 -5.48
CA LYS A 154 -14.85 -21.62 -6.66
C LYS A 154 -13.45 -21.99 -7.17
N MET A 155 -12.55 -21.01 -7.18
CA MET A 155 -11.18 -21.24 -7.60
C MET A 155 -10.45 -22.23 -6.68
N TRP A 156 -10.70 -22.11 -5.39
CA TRP A 156 -10.07 -22.99 -4.40
C TRP A 156 -10.53 -24.44 -4.58
N SER A 157 -11.84 -24.62 -4.73
CA SER A 157 -12.40 -25.95 -4.97
C SER A 157 -11.68 -26.61 -6.14
N TYR A 158 -11.60 -25.88 -7.25
CA TYR A 158 -10.94 -26.39 -8.44
C TYR A 158 -9.49 -26.79 -8.15
N MET A 159 -8.73 -25.87 -7.57
CA MET A 159 -7.31 -26.08 -7.33
C MET A 159 -7.05 -27.26 -6.39
N LYS A 160 -7.87 -27.38 -5.35
CA LYS A 160 -7.63 -28.41 -4.33
C LYS A 160 -7.80 -29.82 -4.88
N SER A 161 -8.70 -29.99 -5.85
CA SER A 161 -8.98 -31.31 -6.41
C SER A 161 -8.43 -31.53 -7.81
N ALA A 162 -7.60 -30.61 -8.29
CA ALA A 162 -7.12 -30.67 -9.68
C ALA A 162 -6.10 -31.78 -9.90
N GLU A 163 -6.14 -32.37 -11.10
CA GLU A 163 -5.35 -33.56 -11.43
C GLU A 163 -4.55 -33.38 -12.71
N PRO A 164 -3.24 -33.52 -12.61
CA PRO A 164 -2.57 -33.76 -11.32
C PRO A 164 -2.55 -32.50 -10.45
N SER A 165 -1.44 -32.22 -9.78
CA SER A 165 -1.33 -31.04 -8.93
C SER A 165 -1.05 -29.75 -9.69
N VAL A 166 -1.74 -28.68 -9.29
CA VAL A 166 -1.53 -27.36 -9.86
C VAL A 166 -0.68 -26.49 -8.93
N PHE A 167 -0.34 -27.04 -7.76
CA PHE A 167 0.52 -26.35 -6.80
C PHE A 167 1.98 -26.67 -7.07
N THR A 168 2.83 -25.65 -7.08
CA THR A 168 4.23 -25.84 -7.48
C THR A 168 5.18 -25.77 -6.30
N LYS A 169 6.30 -26.47 -6.41
CA LYS A 169 7.26 -26.51 -5.32
C LYS A 169 7.92 -25.14 -5.11
N THR A 170 8.19 -24.45 -6.21
CA THR A 170 8.79 -23.13 -6.13
C THR A 170 8.08 -22.14 -7.04
N THR A 171 8.29 -20.86 -6.77
CA THR A 171 7.78 -19.79 -7.61
C THR A 171 8.32 -19.91 -9.02
N ALA A 172 9.62 -20.19 -9.13
CA ALA A 172 10.28 -20.33 -10.43
C ALA A 172 9.68 -21.45 -11.28
N ASP A 173 9.27 -22.53 -10.62
CA ASP A 173 8.67 -23.66 -11.33
C ASP A 173 7.32 -23.27 -11.91
N GLY A 174 6.55 -22.49 -11.15
CA GLY A 174 5.28 -21.97 -11.63
C GLY A 174 5.49 -21.17 -12.89
N VAL A 175 6.47 -20.29 -12.87
CA VAL A 175 6.79 -19.44 -14.01
C VAL A 175 7.15 -20.27 -15.24
N ALA A 176 8.00 -21.27 -15.06
CA ALA A 176 8.40 -22.14 -16.13
C ALA A 176 7.22 -22.91 -16.71
N ARG A 177 6.30 -23.31 -15.83
CA ARG A 177 5.11 -24.02 -16.28
C ARG A 177 4.22 -23.12 -17.15
N VAL A 178 4.05 -21.86 -16.78
CA VAL A 178 3.32 -20.93 -17.64
C VAL A 178 4.00 -20.83 -19.01
N ARG A 179 5.30 -20.57 -18.99
CA ARG A 179 6.04 -20.45 -20.25
C ARG A 179 5.98 -21.69 -21.16
N LYS A 180 5.96 -22.89 -20.58
CA LYS A 180 5.96 -24.13 -21.40
C LYS A 180 4.57 -24.71 -21.65
N SER A 181 3.53 -24.04 -21.17
CA SER A 181 2.18 -24.58 -21.20
C SER A 181 1.42 -24.35 -22.52
N LYS A 182 2.02 -23.59 -23.43
CA LYS A 182 1.32 -23.16 -24.64
C LYS A 182 -0.03 -22.54 -24.32
N GLY A 183 -0.10 -21.82 -23.21
CA GLY A 183 -1.29 -21.07 -22.84
C GLY A 183 -2.29 -21.82 -21.97
N LYS A 184 -1.96 -23.04 -21.59
CA LYS A 184 -2.89 -23.87 -20.81
C LYS A 184 -2.63 -23.89 -19.30
N PHE A 185 -1.71 -23.04 -18.84
CA PHE A 185 -1.49 -22.87 -17.40
C PHE A 185 -1.33 -21.40 -17.04
N ALA A 186 -2.04 -20.98 -16.00
CA ALA A 186 -1.89 -19.66 -15.41
C ALA A 186 -1.44 -19.81 -13.97
N PHE A 187 -0.61 -18.86 -13.49
CA PHE A 187 0.00 -18.97 -12.18
C PHE A 187 -0.33 -17.74 -11.35
N LEU A 188 -0.72 -17.94 -10.09
CA LEU A 188 -1.01 -16.84 -9.17
C LEU A 188 0.16 -16.61 -8.22
N LEU A 189 0.62 -15.36 -8.14
CA LEU A 189 1.81 -15.04 -7.37
C LEU A 189 1.87 -13.53 -7.09
N GLU A 190 2.85 -13.12 -6.30
CA GLU A 190 2.98 -11.70 -5.93
C GLU A 190 3.11 -10.81 -7.16
N SER A 191 2.36 -9.70 -7.16
CA SER A 191 2.35 -8.79 -8.32
C SER A 191 3.74 -8.26 -8.66
N THR A 192 4.56 -8.02 -7.64
CA THR A 192 5.90 -7.47 -7.85
C THR A 192 6.76 -8.43 -8.64
N MET A 193 6.65 -9.72 -8.35
CA MET A 193 7.37 -10.74 -9.11
C MET A 193 6.81 -10.90 -10.55
N ASN A 194 5.49 -10.86 -10.67
CA ASN A 194 4.81 -10.96 -11.95
C ASN A 194 5.31 -9.85 -12.87
N GLU A 195 5.36 -8.64 -12.33
CA GLU A 195 5.81 -7.45 -13.05
C GLU A 195 7.27 -7.58 -13.45
N TYR A 196 8.07 -8.12 -12.54
CA TYR A 196 9.48 -8.37 -12.84
C TYR A 196 9.68 -9.35 -14.00
N ILE A 197 8.95 -10.46 -14.00
CA ILE A 197 9.12 -11.49 -15.04
C ILE A 197 8.65 -10.96 -16.40
N GLU A 198 7.61 -10.12 -16.40
CA GLU A 198 7.10 -9.48 -17.61
C GLU A 198 8.17 -8.64 -18.31
N GLN A 199 9.22 -8.30 -17.55
CA GLN A 199 10.33 -7.53 -18.08
C GLN A 199 11.57 -8.37 -18.42
N ARG A 200 11.43 -9.69 -18.39
CA ARG A 200 12.58 -10.55 -18.70
C ARG A 200 12.39 -11.20 -20.06
N LYS A 201 13.46 -11.30 -20.84
CA LYS A 201 13.41 -12.09 -22.09
C LYS A 201 12.88 -13.48 -21.78
N PRO A 202 12.14 -14.09 -22.73
CA PRO A 202 11.84 -13.59 -24.07
C PRO A 202 10.56 -12.78 -24.12
N CYS A 203 10.16 -12.19 -23.01
CA CYS A 203 8.95 -11.36 -22.98
C CYS A 203 7.70 -12.14 -23.38
N ASP A 204 7.57 -13.35 -22.88
CA ASP A 204 6.44 -14.21 -23.25
C ASP A 204 5.30 -14.26 -22.21
N THR A 205 5.50 -13.60 -21.08
CA THR A 205 4.52 -13.59 -20.01
C THR A 205 3.93 -12.20 -19.77
N MET A 206 2.77 -12.17 -19.12
CA MET A 206 2.08 -10.92 -18.87
C MET A 206 1.26 -10.99 -17.59
N LYS A 207 1.15 -9.87 -16.87
CA LYS A 207 0.26 -9.78 -15.72
C LYS A 207 -1.11 -9.29 -16.20
N VAL A 208 -2.18 -9.96 -15.78
CA VAL A 208 -3.53 -9.56 -16.18
C VAL A 208 -4.47 -9.34 -15.01
N GLY A 209 -5.37 -8.39 -15.18
CA GLY A 209 -6.41 -8.10 -14.20
C GLY A 209 -5.88 -7.33 -13.01
N GLY A 210 -6.76 -6.97 -12.10
CA GLY A 210 -6.32 -6.33 -10.87
C GLY A 210 -5.81 -7.34 -9.87
N ASN A 211 -5.17 -6.84 -8.82
CA ASN A 211 -4.74 -7.69 -7.72
C ASN A 211 -5.94 -8.20 -6.91
N LEU A 212 -5.82 -9.41 -6.38
CA LEU A 212 -6.90 -10.03 -5.61
C LEU A 212 -6.88 -9.63 -4.14
N ASP A 213 -5.73 -9.14 -3.67
CA ASP A 213 -5.61 -8.57 -2.32
C ASP A 213 -4.59 -7.42 -2.29
N SER A 214 -4.33 -6.89 -1.10
CA SER A 214 -3.36 -5.83 -0.94
C SER A 214 -2.52 -6.02 0.32
N LYS A 215 -1.21 -5.98 0.13
CA LYS A 215 -0.25 -6.22 1.18
C LYS A 215 0.91 -5.28 0.96
N GLY A 216 1.84 -5.25 1.91
CA GLY A 216 3.06 -4.49 1.79
C GLY A 216 4.26 -5.31 2.24
N TYR A 217 5.44 -5.00 1.68
CA TYR A 217 6.70 -5.48 2.24
C TYR A 217 7.19 -4.46 3.26
N GLY A 218 7.78 -4.93 4.36
CA GLY A 218 8.35 -4.03 5.34
C GLY A 218 9.74 -4.42 5.77
N VAL A 219 10.48 -3.46 6.30
CA VAL A 219 11.76 -3.74 6.95
C VAL A 219 11.50 -4.21 8.39
N ALA A 220 12.16 -5.28 8.81
CA ALA A 220 11.85 -5.87 10.11
C ALA A 220 12.98 -5.76 11.12
N THR A 221 12.61 -5.58 12.38
CA THR A 221 13.52 -5.54 13.52
C THR A 221 12.89 -6.31 14.67
N PRO A 222 13.72 -6.83 15.59
CA PRO A 222 13.16 -7.59 16.72
C PRO A 222 12.41 -6.68 17.68
N LYS A 223 11.45 -7.21 18.43
CA LYS A 223 10.75 -6.42 19.45
C LYS A 223 11.73 -5.73 20.37
N GLY A 224 11.47 -4.47 20.68
CA GLY A 224 12.27 -3.75 21.65
C GLY A 224 13.61 -3.30 21.12
N SER A 225 13.80 -3.43 19.81
CA SER A 225 15.06 -3.05 19.19
C SER A 225 15.29 -1.55 19.26
N ALA A 226 16.53 -1.16 19.53
CA ALA A 226 16.90 0.25 19.58
C ALA A 226 16.86 0.89 18.20
N LEU A 227 16.83 0.06 17.16
CA LEU A 227 16.83 0.52 15.77
C LEU A 227 15.44 0.78 15.20
N GLY A 228 14.42 0.18 15.82
CA GLY A 228 13.07 0.16 15.26
C GLY A 228 12.46 1.48 14.83
N ASN A 229 12.58 2.47 15.71
CA ASN A 229 12.09 3.80 15.45
C ASN A 229 12.90 4.58 14.43
N ALA A 230 14.18 4.27 14.25
CA ALA A 230 14.97 5.08 13.32
C ALA A 230 14.83 4.53 11.92
N VAL A 231 14.49 3.25 11.87
CA VAL A 231 14.29 2.52 10.63
C VAL A 231 12.92 2.86 10.05
N ASN A 232 11.91 2.89 10.89
CA ASN A 232 10.57 3.24 10.44
C ASN A 232 10.54 4.62 9.81
N LEU A 233 11.14 5.60 10.48
CA LEU A 233 11.11 6.99 9.99
C LEU A 233 11.95 7.15 8.73
N ALA A 234 13.05 6.40 8.64
CA ALA A 234 13.87 6.43 7.44
C ALA A 234 13.09 5.94 6.22
N VAL A 235 12.28 4.91 6.40
CA VAL A 235 11.50 4.39 5.28
C VAL A 235 10.47 5.41 4.82
N LEU A 236 9.85 6.12 5.77
CA LEU A 236 8.88 7.13 5.40
C LEU A 236 9.58 8.27 4.68
N LYS A 237 10.74 8.67 5.21
CA LYS A 237 11.52 9.73 4.57
C LYS A 237 11.89 9.39 3.13
N LEU A 238 12.40 8.17 2.91
CA LEU A 238 12.76 7.73 1.56
C LEU A 238 11.55 7.72 0.61
N ASN A 239 10.41 7.37 1.10
CA ASN A 239 9.23 7.40 0.24
C ASN A 239 8.96 8.82 -0.26
N GLU A 240 8.96 9.75 0.77
CA GLU A 240 8.61 11.12 0.46
C GLU A 240 9.66 11.80 -0.43
N GLN A 241 10.90 11.34 -0.33
CA GLN A 241 11.98 11.83 -1.19
C GLN A 241 11.91 11.26 -2.61
N GLY A 242 11.01 10.30 -2.82
CA GLY A 242 10.83 9.69 -4.14
C GLY A 242 11.80 8.55 -4.42
N LEU A 243 12.68 8.27 -3.47
CA LEU A 243 13.71 7.25 -3.64
C LEU A 243 13.12 5.88 -3.92
N LEU A 244 12.14 5.46 -3.13
CA LEU A 244 11.56 4.13 -3.28
C LEU A 244 11.00 3.92 -4.70
N ASP A 245 10.28 4.90 -5.22
CA ASP A 245 9.78 4.78 -6.60
C ASP A 245 10.93 4.77 -7.60
N LYS A 246 11.96 5.55 -7.33
CA LYS A 246 13.15 5.59 -8.17
C LYS A 246 13.87 4.23 -8.23
N LEU A 247 13.94 3.55 -7.09
CA LEU A 247 14.56 2.24 -7.03
C LEU A 247 13.74 1.18 -7.77
N LYS A 248 12.43 1.24 -7.62
CA LYS A 248 11.55 0.30 -8.34
C LYS A 248 11.68 0.51 -9.85
N ASN A 249 11.66 1.76 -10.29
CA ASN A 249 11.82 2.03 -11.72
C ASN A 249 13.17 1.52 -12.24
N LYS A 250 14.20 1.73 -11.45
CA LYS A 250 15.56 1.34 -11.82
C LYS A 250 15.66 -0.15 -12.08
N TRP A 251 15.23 -0.95 -11.11
CA TRP A 251 15.48 -2.39 -11.15
C TRP A 251 14.44 -3.14 -11.96
N TRP A 252 13.24 -2.58 -12.08
CA TRP A 252 12.22 -3.23 -12.88
C TRP A 252 12.20 -2.80 -14.36
N TYR A 253 12.35 -1.50 -14.60
CA TYR A 253 12.08 -0.93 -15.92
C TYR A 253 13.29 -0.38 -16.67
N ASP A 254 14.20 0.29 -15.99
CA ASP A 254 15.41 0.78 -16.64
C ASP A 254 16.27 -0.40 -17.05
N LYS A 255 16.24 -1.44 -16.21
CA LYS A 255 17.02 -2.66 -16.46
C LYS A 255 16.16 -3.78 -17.06
N GLY A 256 14.94 -3.46 -17.45
CA GLY A 256 14.06 -4.42 -18.08
C GLY A 256 14.40 -4.68 -19.55
N GLU A 257 13.80 -5.72 -20.13
CA GLU A 257 14.16 -6.19 -21.46
C GLU A 257 12.97 -6.27 -22.43
N CYS A 258 11.83 -5.72 -22.02
CA CYS A 258 10.62 -5.86 -22.82
C CYS A 258 9.86 -4.55 -23.01
N ARG B 1 -12.80 2.78 30.92
CA ARG B 1 -13.25 4.10 30.47
C ARG B 1 -13.63 4.03 28.99
N THR B 2 -14.66 4.79 28.59
CA THR B 2 -15.04 4.82 27.18
C THR B 2 -13.99 5.56 26.37
N ILE B 3 -13.49 4.90 25.33
CA ILE B 3 -12.46 5.44 24.47
C ILE B 3 -13.04 6.52 23.55
N VAL B 4 -12.36 7.66 23.45
CA VAL B 4 -12.74 8.71 22.51
C VAL B 4 -12.11 8.46 21.15
N VAL B 5 -12.94 8.27 20.14
CA VAL B 5 -12.45 8.05 18.78
C VAL B 5 -12.73 9.27 17.93
N THR B 6 -11.68 10.00 17.58
CA THR B 6 -11.86 11.18 16.74
C THR B 6 -11.97 10.76 15.27
N THR B 7 -12.78 11.48 14.52
CA THR B 7 -12.93 11.15 13.11
C THR B 7 -13.38 12.42 12.38
N ILE B 8 -13.71 12.28 11.10
CA ILE B 8 -13.96 13.46 10.29
C ILE B 8 -15.07 13.21 9.29
N LEU B 9 -15.92 14.22 9.06
CA LEU B 9 -16.99 14.08 8.09
C LEU B 9 -16.44 14.14 6.67
N GLU B 10 -16.15 12.97 6.11
CA GLU B 10 -15.62 12.83 4.76
C GLU B 10 -16.31 11.63 4.14
N SER B 11 -17.02 11.84 3.03
CA SER B 11 -17.75 10.78 2.37
C SER B 11 -16.79 9.90 1.58
N PRO B 12 -17.00 8.57 1.62
CA PRO B 12 -18.02 7.84 2.36
C PRO B 12 -17.50 7.25 3.68
N TYR B 13 -16.51 7.87 4.29
CA TYR B 13 -15.92 7.35 5.51
C TYR B 13 -16.84 7.56 6.71
N VAL B 14 -17.30 8.79 6.87
CA VAL B 14 -18.24 9.12 7.92
C VAL B 14 -19.24 10.13 7.37
N MET B 15 -20.52 9.80 7.48
CA MET B 15 -21.58 10.63 6.92
C MET B 15 -22.74 10.60 7.89
N TYR B 16 -23.54 11.66 7.91
CA TYR B 16 -24.74 11.62 8.73
C TYR B 16 -25.75 10.64 8.17
N LYS B 17 -26.41 9.91 9.06
CA LYS B 17 -27.55 9.10 8.67
C LYS B 17 -28.75 10.01 8.40
N LYS B 18 -29.71 9.48 7.67
CA LYS B 18 -30.91 10.22 7.23
C LYS B 18 -31.50 11.21 8.26
N ASN B 19 -32.13 10.70 9.31
CA ASN B 19 -32.75 11.56 10.29
C ASN B 19 -31.87 11.65 11.51
N HIS B 20 -30.71 12.26 11.35
CA HIS B 20 -29.72 12.22 12.43
C HIS B 20 -30.07 13.06 13.67
N GLU B 21 -30.98 14.02 13.54
CA GLU B 21 -31.46 14.80 14.69
C GLU B 21 -32.07 13.86 15.71
N GLN B 22 -32.68 12.80 15.18
CA GLN B 22 -33.48 11.87 15.95
C GLN B 22 -32.64 10.78 16.55
N LEU B 23 -31.37 10.73 16.16
CA LEU B 23 -30.46 9.72 16.69
C LEU B 23 -29.41 10.30 17.62
N GLU B 24 -28.81 9.42 18.41
CA GLU B 24 -27.89 9.84 19.47
C GLU B 24 -26.58 9.05 19.36
N GLY B 25 -25.49 9.69 19.76
CA GLY B 25 -24.20 9.02 19.83
C GLY B 25 -23.76 8.42 18.50
N ASN B 26 -23.15 7.23 18.57
CA ASN B 26 -22.58 6.58 17.38
C ASN B 26 -23.63 6.29 16.31
N GLU B 27 -24.89 6.18 16.71
CA GLU B 27 -26.00 5.87 15.80
C GLU B 27 -26.27 6.97 14.77
N ARG B 28 -25.72 8.16 15.01
CA ARG B 28 -25.91 9.28 14.11
C ARG B 28 -25.20 9.09 12.76
N TYR B 29 -24.24 8.16 12.72
CA TYR B 29 -23.28 8.12 11.61
C TYR B 29 -23.23 6.78 10.89
N GLU B 30 -22.88 6.83 9.60
CA GLU B 30 -22.59 5.62 8.85
C GLU B 30 -21.41 5.86 7.93
N GLY B 31 -20.83 4.78 7.43
CA GLY B 31 -19.72 4.92 6.50
C GLY B 31 -18.63 3.90 6.70
N TYR B 32 -17.65 3.93 5.80
CA TYR B 32 -16.50 3.03 5.85
C TYR B 32 -15.78 3.02 7.21
N CYS B 33 -15.48 4.19 7.73
CA CYS B 33 -14.77 4.31 9.00
C CYS B 33 -15.64 4.08 10.23
N VAL B 34 -16.95 4.30 10.09
CA VAL B 34 -17.87 3.88 11.12
C VAL B 34 -17.80 2.37 11.25
N ASP B 35 -17.89 1.68 10.12
CA ASP B 35 -17.79 0.23 10.12
C ASP B 35 -16.41 -0.24 10.60
N LEU B 36 -15.36 0.49 10.23
CA LEU B 36 -14.01 0.08 10.62
C LEU B 36 -13.82 0.25 12.13
N ALA B 37 -14.36 1.33 12.69
CA ALA B 37 -14.24 1.58 14.13
C ALA B 37 -14.94 0.49 14.94
N TYR B 38 -16.10 0.07 14.47
CA TYR B 38 -16.88 -0.97 15.11
C TYR B 38 -16.10 -2.28 15.10
N GLU B 39 -15.50 -2.62 13.96
CA GLU B 39 -14.71 -3.85 13.85
C GLU B 39 -13.45 -3.84 14.72
N ILE B 40 -12.71 -2.73 14.70
CA ILE B 40 -11.53 -2.61 15.54
C ILE B 40 -11.86 -2.68 17.03
N ALA B 41 -12.86 -1.92 17.47
CA ALA B 41 -13.24 -1.92 18.87
C ALA B 41 -13.65 -3.33 19.32
N LYS B 42 -14.09 -4.13 18.36
CA LYS B 42 -14.57 -5.46 18.64
C LYS B 42 -13.39 -6.37 18.93
N HIS B 43 -12.32 -6.21 18.17
CA HIS B 43 -11.14 -7.04 18.38
C HIS B 43 -10.28 -6.53 19.54
N VAL B 44 -10.23 -5.22 19.72
CA VAL B 44 -9.45 -4.63 20.81
C VAL B 44 -10.22 -4.73 22.13
N ARG B 45 -11.52 -4.98 22.05
CA ARG B 45 -12.36 -5.16 23.24
C ARG B 45 -12.47 -3.88 24.08
N ILE B 46 -12.96 -2.82 23.44
CA ILE B 46 -13.15 -1.53 24.09
C ILE B 46 -14.52 -0.95 23.77
N LYS B 47 -15.06 -0.16 24.68
CA LYS B 47 -16.25 0.63 24.42
C LYS B 47 -15.79 2.00 23.93
N TYR B 48 -16.52 2.61 23.01
CA TYR B 48 -16.00 3.82 22.37
C TYR B 48 -17.07 4.83 21.98
N LYS B 49 -16.66 6.06 21.83
CA LYS B 49 -17.58 7.08 21.34
C LYS B 49 -16.96 7.88 20.22
N LEU B 50 -17.66 7.92 19.08
CA LEU B 50 -17.21 8.68 17.92
C LEU B 50 -17.39 10.16 18.17
N SER B 51 -16.37 10.93 17.84
CA SER B 51 -16.40 12.37 18.02
C SER B 51 -15.88 13.04 16.75
N ILE B 52 -16.72 13.85 16.10
CA ILE B 52 -16.28 14.51 14.88
C ILE B 52 -15.35 15.67 15.23
N VAL B 53 -14.17 15.67 14.62
CA VAL B 53 -13.18 16.69 14.97
C VAL B 53 -13.75 18.09 14.78
N GLY B 54 -13.59 18.91 15.81
CA GLY B 54 -14.23 20.22 15.87
C GLY B 54 -13.88 21.16 14.74
N ASP B 55 -12.62 21.18 14.32
CA ASP B 55 -12.21 22.10 13.26
C ASP B 55 -12.37 21.51 11.86
N GLY B 56 -12.75 20.23 11.79
CA GLY B 56 -12.96 19.54 10.53
C GLY B 56 -11.68 19.38 9.71
N LYS B 57 -10.55 19.27 10.40
CA LYS B 57 -9.27 19.11 9.70
C LYS B 57 -8.59 17.78 9.96
N TYR B 58 -7.76 17.35 9.02
CA TYR B 58 -6.97 16.14 9.23
C TYR B 58 -5.86 16.38 10.25
N GLY B 59 -5.04 17.38 9.99
CA GLY B 59 -4.00 17.76 10.92
C GLY B 59 -2.70 18.21 10.30
N ALA B 60 -2.32 19.46 10.61
CA ALA B 60 -1.05 19.98 10.15
C ALA B 60 -0.48 20.88 11.24
N ARG B 61 0.84 21.08 11.18
CA ARG B 61 1.54 21.89 12.16
C ARG B 61 1.74 23.29 11.62
N ASP B 62 1.22 24.29 12.34
CA ASP B 62 1.39 25.68 11.93
C ASP B 62 2.87 26.04 11.93
N PRO B 63 3.35 26.59 10.81
CA PRO B 63 4.79 26.81 10.66
C PRO B 63 5.34 27.84 11.65
N GLU B 64 4.49 28.78 12.07
CA GLU B 64 4.91 29.81 13.02
C GLU B 64 4.81 29.35 14.48
N THR B 65 3.59 29.01 14.91
CA THR B 65 3.34 28.57 16.29
C THR B 65 3.86 27.17 16.58
N LYS B 66 3.88 26.31 15.56
CA LYS B 66 4.26 24.90 15.69
C LYS B 66 3.19 24.04 16.38
N ILE B 67 1.98 24.59 16.47
CA ILE B 67 0.84 23.89 17.06
C ILE B 67 0.11 23.03 16.00
N TRP B 68 -0.29 21.82 16.39
CA TRP B 68 -1.01 20.91 15.50
C TRP B 68 -2.52 21.12 15.59
N ASN B 69 -3.20 21.20 14.45
CA ASN B 69 -4.67 21.26 14.42
C ASN B 69 -5.29 19.91 14.02
N GLY B 70 -6.61 19.85 13.91
CA GLY B 70 -7.28 18.67 13.34
C GLY B 70 -7.26 17.46 14.24
N MET B 71 -7.45 16.28 13.66
CA MET B 71 -7.39 15.03 14.43
C MET B 71 -5.98 14.78 14.98
N VAL B 72 -4.95 15.20 14.25
CA VAL B 72 -3.60 15.00 14.75
C VAL B 72 -3.44 15.76 16.07
N GLY B 73 -3.94 16.99 16.11
CA GLY B 73 -3.89 17.78 17.33
C GLY B 73 -4.68 17.15 18.47
N GLU B 74 -5.86 16.60 18.15
CA GLU B 74 -6.66 15.95 19.18
C GLU B 74 -5.90 14.79 19.83
N LEU B 75 -5.14 14.04 19.04
CA LEU B 75 -4.32 12.98 19.62
C LEU B 75 -3.14 13.54 20.42
N VAL B 76 -2.40 14.46 19.80
CA VAL B 76 -1.18 14.96 20.40
C VAL B 76 -1.44 15.63 21.75
N TYR B 77 -2.51 16.41 21.85
CA TYR B 77 -2.73 17.19 23.07
C TYR B 77 -3.60 16.53 24.15
N GLY B 78 -4.02 15.28 23.91
CA GLY B 78 -4.67 14.48 24.92
C GLY B 78 -6.19 14.40 24.94
N ARG B 79 -6.83 14.79 23.84
CA ARG B 79 -8.29 14.83 23.80
C ARG B 79 -8.96 13.65 23.10
N ALA B 80 -8.17 12.80 22.45
CA ALA B 80 -8.70 11.62 21.77
C ALA B 80 -7.77 10.44 21.98
N ASP B 81 -8.35 9.25 22.09
CA ASP B 81 -7.55 8.03 22.26
C ASP B 81 -7.14 7.37 20.92
N ILE B 82 -8.01 7.48 19.92
CA ILE B 82 -7.78 6.94 18.59
C ILE B 82 -8.40 7.86 17.52
N ALA B 83 -7.77 7.94 16.37
CA ALA B 83 -8.37 8.54 15.19
C ALA B 83 -8.62 7.46 14.14
N VAL B 84 -9.90 7.23 13.83
CA VAL B 84 -10.28 6.26 12.80
C VAL B 84 -10.83 7.04 11.62
N ALA B 85 -9.95 7.31 10.67
CA ALA B 85 -10.24 8.21 9.56
C ALA B 85 -9.24 7.94 8.45
N PRO B 86 -9.51 8.44 7.23
CA PRO B 86 -8.53 8.29 6.15
C PRO B 86 -7.36 9.27 6.37
N LEU B 87 -6.59 9.04 7.43
CA LEU B 87 -5.47 9.91 7.79
C LEU B 87 -4.18 9.47 7.14
N THR B 88 -3.62 10.33 6.30
CA THR B 88 -2.46 9.94 5.53
C THR B 88 -1.22 9.78 6.39
N ILE B 89 -0.57 8.62 6.26
CA ILE B 89 0.67 8.34 6.95
C ILE B 89 1.81 9.14 6.33
N THR B 90 2.40 10.03 7.10
CA THR B 90 3.48 10.89 6.63
C THR B 90 4.55 11.00 7.71
N LEU B 91 5.77 11.37 7.31
CA LEU B 91 6.89 11.45 8.26
C LEU B 91 6.63 12.46 9.37
N VAL B 92 6.25 13.69 9.01
CA VAL B 92 6.05 14.71 10.05
C VAL B 92 4.97 14.29 11.05
N ARG B 93 3.93 13.61 10.58
CA ARG B 93 2.91 13.08 11.50
C ARG B 93 3.40 11.90 12.37
N GLU B 94 4.12 10.96 11.77
CA GLU B 94 4.59 9.77 12.48
C GLU B 94 5.60 10.15 13.56
N GLU B 95 6.21 11.32 13.41
CA GLU B 95 7.12 11.81 14.43
C GLU B 95 6.41 12.16 15.74
N VAL B 96 5.11 12.45 15.66
CA VAL B 96 4.37 12.89 16.84
C VAL B 96 3.20 12.00 17.27
N ILE B 97 2.70 11.15 16.36
CA ILE B 97 1.65 10.20 16.71
C ILE B 97 2.04 8.84 16.15
N ASP B 98 1.37 7.79 16.63
CA ASP B 98 1.58 6.44 16.13
C ASP B 98 0.52 6.08 15.09
N PHE B 99 0.92 5.34 14.06
CA PHE B 99 -0.01 4.86 13.04
C PHE B 99 -0.01 3.35 12.98
N SER B 100 -1.18 2.76 12.78
CA SER B 100 -1.27 1.35 12.38
C SER B 100 -0.66 1.19 11.00
N LYS B 101 -0.43 -0.06 10.60
CA LYS B 101 -0.13 -0.33 9.20
C LYS B 101 -1.33 0.13 8.38
N PRO B 102 -1.10 0.48 7.11
CA PRO B 102 -2.17 1.07 6.30
C PRO B 102 -3.42 0.21 6.18
N PHE B 103 -4.60 0.82 6.33
CA PHE B 103 -5.82 0.08 6.03
C PHE B 103 -6.29 0.27 4.58
N MET B 104 -5.70 1.24 3.89
CA MET B 104 -6.10 1.56 2.53
C MET B 104 -4.93 2.26 1.84
N SER B 105 -4.69 1.89 0.59
CA SER B 105 -3.60 2.49 -0.18
C SER B 105 -4.20 3.60 -1.06
N LEU B 106 -3.34 4.49 -1.54
CA LEU B 106 -3.78 5.55 -2.43
C LEU B 106 -2.56 6.21 -3.06
N GLY B 107 -2.83 7.10 -4.02
CA GLY B 107 -1.78 7.86 -4.64
C GLY B 107 -2.37 9.10 -5.30
N ILE B 108 -1.51 10.00 -5.74
CA ILE B 108 -1.98 11.18 -6.47
C ILE B 108 -2.50 10.75 -7.84
N SER B 109 -3.68 11.26 -8.20
CA SER B 109 -4.36 10.86 -9.42
C SER B 109 -4.98 12.08 -10.07
N ILE B 110 -5.37 11.92 -11.33
CA ILE B 110 -5.92 12.99 -12.15
C ILE B 110 -7.42 12.83 -12.37
N MET B 111 -8.17 13.87 -12.02
CA MET B 111 -9.61 13.90 -12.26
C MET B 111 -9.94 14.82 -13.43
N ILE B 112 -10.60 14.28 -14.45
CA ILE B 112 -11.08 15.11 -15.57
C ILE B 112 -12.60 15.10 -15.70
N LYS B 113 -13.11 16.10 -16.40
CA LYS B 113 -14.50 16.06 -16.84
C LYS B 113 -14.53 15.16 -18.08
N LYS B 114 -15.47 14.23 -18.13
CA LYS B 114 -15.54 13.30 -19.25
C LYS B 114 -15.55 14.06 -20.57
N GLY B 115 -14.69 13.64 -21.49
CA GLY B 115 -14.56 14.28 -22.79
C GLY B 115 -13.19 14.92 -22.96
N THR B 116 -12.65 15.40 -21.85
CA THR B 116 -11.37 16.08 -21.85
C THR B 116 -10.27 15.18 -22.42
N PRO B 117 -9.49 15.68 -23.40
CA PRO B 117 -8.45 14.89 -24.08
C PRO B 117 -7.16 14.81 -23.27
N ILE B 118 -7.26 14.22 -22.09
CA ILE B 118 -6.11 14.01 -21.22
C ILE B 118 -6.19 12.59 -20.70
N GLU B 119 -5.09 11.85 -20.82
CA GLU B 119 -5.05 10.46 -20.34
C GLU B 119 -3.98 10.22 -19.28
N SER B 120 -3.12 11.21 -19.05
CA SER B 120 -1.98 11.01 -18.16
C SER B 120 -1.34 12.32 -17.71
N ALA B 121 -0.41 12.23 -16.77
CA ALA B 121 0.33 13.40 -16.31
C ALA B 121 1.14 14.00 -17.46
N GLU B 122 1.77 13.13 -18.25
CA GLU B 122 2.55 13.61 -19.39
C GLU B 122 1.67 14.44 -20.36
N ASP B 123 0.42 14.03 -20.51
CA ASP B 123 -0.54 14.78 -21.34
C ASP B 123 -0.78 16.19 -20.83
N LEU B 124 -0.92 16.35 -19.51
CA LEU B 124 -1.10 17.67 -18.95
C LEU B 124 0.15 18.52 -19.11
N ALA B 125 1.30 17.93 -18.85
CA ALA B 125 2.54 18.70 -18.73
C ALA B 125 2.94 19.40 -20.03
N LYS B 126 2.61 18.78 -21.16
CA LYS B 126 3.03 19.32 -22.45
C LYS B 126 2.10 20.36 -23.05
N GLN B 127 1.08 20.78 -22.30
CA GLN B 127 0.12 21.75 -22.82
C GLN B 127 -0.32 22.76 -21.74
N THR B 128 -1.01 23.81 -22.17
CA THR B 128 -1.48 24.85 -21.25
C THR B 128 -2.95 25.18 -21.45
N GLU B 129 -3.51 24.70 -22.56
CA GLU B 129 -4.93 24.89 -22.88
C GLU B 129 -5.81 24.50 -21.70
N ILE B 130 -5.62 23.27 -21.22
CA ILE B 130 -6.39 22.74 -20.12
C ILE B 130 -5.60 22.98 -18.84
N ALA B 131 -6.10 23.86 -18.00
CA ALA B 131 -5.42 24.19 -16.75
C ALA B 131 -5.51 23.03 -15.78
N TYR B 132 -4.56 22.95 -14.85
CA TYR B 132 -4.57 21.89 -13.84
C TYR B 132 -3.95 22.37 -12.54
N GLY B 133 -4.44 21.85 -11.43
CA GLY B 133 -3.91 22.22 -10.13
C GLY B 133 -4.21 21.23 -9.02
N THR B 134 -3.84 21.60 -7.81
CA THR B 134 -4.02 20.75 -6.65
C THR B 134 -4.61 21.56 -5.51
N LEU B 135 -4.92 20.89 -4.40
CA LEU B 135 -5.24 21.60 -3.17
C LEU B 135 -4.10 22.56 -2.83
N ASP B 136 -4.45 23.70 -2.25
CA ASP B 136 -3.45 24.73 -1.96
C ASP B 136 -2.61 24.43 -0.71
N SER B 137 -2.89 23.31 -0.07
CA SER B 137 -2.19 22.96 1.16
C SER B 137 -2.41 21.50 1.57
N GLY B 138 -1.39 20.68 1.35
CA GLY B 138 -1.41 19.28 1.76
C GLY B 138 -0.26 18.55 1.09
N SER B 139 -0.33 17.23 1.01
CA SER B 139 0.78 16.48 0.43
C SER B 139 0.81 16.39 -1.10
N THR B 140 -0.33 16.59 -1.75
CA THR B 140 -0.34 16.62 -3.22
C THR B 140 0.48 17.79 -3.74
N LYS B 141 0.25 18.98 -3.19
CA LYS B 141 1.01 20.15 -3.57
C LYS B 141 2.51 19.99 -3.27
N GLU B 142 2.81 19.41 -2.11
CA GLU B 142 4.22 19.24 -1.72
C GLU B 142 4.95 18.20 -2.56
N PHE B 143 4.22 17.18 -2.99
CA PHE B 143 4.78 16.23 -3.95
C PHE B 143 5.39 16.93 -5.17
N PHE B 144 4.66 17.86 -5.75
CA PHE B 144 5.13 18.57 -6.93
C PHE B 144 6.23 19.57 -6.57
N ARG B 145 5.99 20.33 -5.51
CA ARG B 145 6.92 21.33 -5.02
C ARG B 145 8.27 20.70 -4.78
N ARG B 146 8.31 19.74 -3.86
CA ARG B 146 9.55 19.08 -3.48
C ARG B 146 9.82 17.82 -4.32
N SER B 147 9.50 17.91 -5.61
CA SER B 147 9.74 16.80 -6.52
C SER B 147 10.85 17.12 -7.51
N LYS B 148 12.06 16.70 -7.18
CA LYS B 148 13.16 16.78 -8.14
C LYS B 148 12.96 15.67 -9.18
N ILE B 149 11.95 15.85 -10.04
CA ILE B 149 11.52 14.78 -10.95
C ILE B 149 11.01 15.38 -12.29
N ALA B 150 11.53 14.90 -13.41
CA ALA B 150 11.38 15.52 -14.75
C ALA B 150 10.05 16.20 -15.18
N VAL B 151 9.05 15.39 -15.51
CA VAL B 151 7.76 15.93 -15.94
C VAL B 151 7.03 16.64 -14.80
N TYR B 152 7.25 16.17 -13.58
CA TYR B 152 6.59 16.78 -12.43
C TYR B 152 7.20 18.13 -12.11
N GLU B 153 8.48 18.32 -12.44
CA GLU B 153 9.12 19.62 -12.25
C GLU B 153 8.47 20.63 -13.18
N LYS B 154 8.25 20.21 -14.42
CA LYS B 154 7.59 21.03 -15.43
C LYS B 154 6.18 21.41 -15.00
N MET B 155 5.46 20.45 -14.42
CA MET B 155 4.10 20.70 -13.94
C MET B 155 4.08 21.68 -12.77
N TRP B 156 5.08 21.58 -11.90
CA TRP B 156 5.16 22.48 -10.75
C TRP B 156 5.43 23.91 -11.19
N SER B 157 6.35 24.06 -12.12
CA SER B 157 6.69 25.37 -12.69
C SER B 157 5.45 26.03 -13.30
N TYR B 158 4.63 25.21 -13.96
CA TYR B 158 3.39 25.72 -14.54
C TYR B 158 2.38 26.17 -13.46
N MET B 159 2.11 25.29 -12.51
CA MET B 159 1.07 25.55 -11.51
C MET B 159 1.46 26.72 -10.62
N LYS B 160 2.75 26.80 -10.32
CA LYS B 160 3.29 27.86 -9.49
C LYS B 160 2.97 29.25 -10.04
N SER B 161 3.02 29.39 -11.36
CA SER B 161 2.81 30.72 -11.98
C SER B 161 1.51 30.87 -12.75
N ALA B 162 0.66 29.85 -12.73
CA ALA B 162 -0.63 29.91 -13.42
C ALA B 162 -1.46 31.12 -13.00
N GLU B 163 -2.19 31.72 -13.96
CA GLU B 163 -2.94 32.94 -13.71
C GLU B 163 -4.35 32.85 -14.29
N PRO B 164 -5.38 32.97 -13.44
CA PRO B 164 -5.31 33.04 -11.99
C PRO B 164 -4.91 31.70 -11.39
N SER B 165 -4.88 31.64 -10.06
CA SER B 165 -4.40 30.48 -9.32
C SER B 165 -5.13 29.18 -9.67
N VAL B 166 -4.37 28.11 -9.83
CA VAL B 166 -4.96 26.80 -10.06
C VAL B 166 -5.06 26.02 -8.74
N PHE B 167 -4.66 26.62 -7.63
CA PHE B 167 -4.75 25.97 -6.32
C PHE B 167 -6.07 26.30 -5.62
N THR B 168 -6.74 25.27 -5.13
CA THR B 168 -8.06 25.44 -4.53
C THR B 168 -7.99 25.40 -2.99
N LYS B 169 -8.96 26.07 -2.36
CA LYS B 169 -9.00 26.13 -0.91
C LYS B 169 -9.36 24.78 -0.31
N THR B 170 -10.24 24.05 -0.99
CA THR B 170 -10.74 22.77 -0.50
C THR B 170 -10.69 21.77 -1.63
N THR B 171 -10.70 20.49 -1.29
CA THR B 171 -10.81 19.45 -2.30
C THR B 171 -12.14 19.54 -3.03
N ALA B 172 -13.21 19.82 -2.29
CA ALA B 172 -14.53 19.92 -2.90
C ALA B 172 -14.56 21.03 -3.95
N ASP B 173 -13.82 22.11 -3.69
CA ASP B 173 -13.75 23.19 -4.66
C ASP B 173 -13.10 22.76 -5.97
N GLY B 174 -12.05 21.94 -5.85
CA GLY B 174 -11.35 21.43 -7.01
C GLY B 174 -12.27 20.57 -7.85
N VAL B 175 -13.05 19.73 -7.17
CA VAL B 175 -13.97 18.82 -7.86
C VAL B 175 -15.07 19.61 -8.56
N ALA B 176 -15.53 20.69 -7.93
CA ALA B 176 -16.52 21.57 -8.55
C ALA B 176 -15.98 22.33 -9.75
N ARG B 177 -14.73 22.76 -9.64
CA ARG B 177 -14.06 23.45 -10.74
C ARG B 177 -13.87 22.52 -11.96
N VAL B 178 -13.56 21.24 -11.75
CA VAL B 178 -13.56 20.29 -12.87
C VAL B 178 -14.95 20.27 -13.52
N ARG B 179 -15.98 20.12 -12.70
CA ARG B 179 -17.32 19.90 -13.21
C ARG B 179 -17.86 21.11 -13.97
N LYS B 180 -17.44 22.30 -13.55
CA LYS B 180 -18.01 23.53 -14.10
C LYS B 180 -17.12 24.22 -15.14
N SER B 181 -15.98 23.63 -15.45
CA SER B 181 -15.05 24.34 -16.32
C SER B 181 -15.09 23.90 -17.81
N LYS B 182 -16.12 23.15 -18.18
CA LYS B 182 -16.35 22.82 -19.60
C LYS B 182 -15.14 22.17 -20.28
N GLY B 183 -14.45 21.32 -19.54
CA GLY B 183 -13.34 20.54 -20.08
C GLY B 183 -11.99 21.23 -20.06
N LYS B 184 -11.92 22.38 -19.39
CA LYS B 184 -10.71 23.22 -19.36
C LYS B 184 -9.93 23.17 -18.02
N PHE B 185 -10.33 22.31 -17.10
CA PHE B 185 -9.60 22.19 -15.84
C PHE B 185 -9.52 20.73 -15.44
N ALA B 186 -8.33 20.29 -15.03
CA ALA B 186 -8.15 18.96 -14.45
C ALA B 186 -7.60 19.16 -13.05
N PHE B 187 -7.98 18.27 -12.14
CA PHE B 187 -7.61 18.41 -10.73
C PHE B 187 -6.82 17.18 -10.26
N LEU B 188 -5.75 17.43 -9.50
CA LEU B 188 -4.93 16.34 -8.97
C LEU B 188 -5.27 16.11 -7.49
N LEU B 189 -5.63 14.88 -7.13
CA LEU B 189 -6.09 14.58 -5.78
C LEU B 189 -5.94 13.10 -5.41
N GLU B 190 -6.18 12.79 -4.14
CA GLU B 190 -6.17 11.42 -3.65
C GLU B 190 -7.01 10.49 -4.53
N SER B 191 -6.41 9.36 -4.90
CA SER B 191 -7.05 8.41 -5.80
C SER B 191 -8.35 7.84 -5.25
N THR B 192 -8.42 7.66 -3.95
CA THR B 192 -9.61 7.10 -3.32
C THR B 192 -10.80 8.06 -3.48
N MET B 193 -10.52 9.36 -3.37
CA MET B 193 -11.56 10.37 -3.53
C MET B 193 -11.98 10.47 -4.99
N ASN B 194 -11.00 10.47 -5.88
CA ASN B 194 -11.25 10.45 -7.33
C ASN B 194 -12.17 9.29 -7.72
N GLU B 195 -11.82 8.09 -7.26
CA GLU B 195 -12.60 6.88 -7.54
C GLU B 195 -14.02 6.98 -6.99
N TYR B 196 -14.17 7.55 -5.79
CA TYR B 196 -15.49 7.69 -5.20
C TYR B 196 -16.36 8.64 -6.03
N ILE B 197 -15.81 9.80 -6.36
CA ILE B 197 -16.58 10.81 -7.09
C ILE B 197 -17.02 10.26 -8.45
N GLU B 198 -16.18 9.44 -9.06
CA GLU B 198 -16.50 8.83 -10.34
C GLU B 198 -17.78 7.98 -10.25
N GLN B 199 -18.08 7.52 -9.03
CA GLN B 199 -19.25 6.70 -8.78
C GLN B 199 -20.49 7.48 -8.30
N ARG B 200 -20.43 8.81 -8.30
CA ARG B 200 -21.52 9.65 -7.79
C ARG B 200 -22.17 10.46 -8.92
N LYS B 201 -23.49 10.66 -8.83
CA LYS B 201 -24.17 11.55 -9.77
C LYS B 201 -23.54 12.94 -9.76
N PRO B 202 -23.52 13.63 -10.91
CA PRO B 202 -24.16 13.22 -12.17
C PRO B 202 -23.25 12.41 -13.09
N CYS B 203 -22.26 11.71 -12.52
CA CYS B 203 -21.42 10.80 -13.29
C CYS B 203 -20.75 11.50 -14.47
N ASP B 204 -20.16 12.66 -14.22
CA ASP B 204 -19.54 13.45 -15.28
C ASP B 204 -18.03 13.57 -15.15
N THR B 205 -17.43 12.81 -14.24
CA THR B 205 -15.99 12.87 -14.04
C THR B 205 -15.39 11.48 -14.21
N MET B 206 -14.08 11.47 -14.43
CA MET B 206 -13.38 10.22 -14.66
C MET B 206 -11.98 10.33 -14.08
N LYS B 207 -11.50 9.24 -13.50
CA LYS B 207 -10.12 9.12 -13.07
C LYS B 207 -9.27 8.60 -14.23
N VAL B 208 -8.17 9.29 -14.52
CA VAL B 208 -7.33 8.87 -15.64
C VAL B 208 -5.87 8.74 -15.23
N GLY B 209 -5.14 7.87 -15.91
CA GLY B 209 -3.72 7.70 -15.64
C GLY B 209 -3.45 6.86 -14.40
N GLY B 210 -2.21 6.41 -14.28
CA GLY B 210 -1.78 5.71 -13.08
C GLY B 210 -1.50 6.71 -11.97
N ASN B 211 -1.38 6.22 -10.75
CA ASN B 211 -1.06 7.08 -9.61
C ASN B 211 0.37 7.63 -9.68
N LEU B 212 0.56 8.85 -9.22
CA LEU B 212 1.88 9.50 -9.33
C LEU B 212 2.81 9.13 -8.17
N ASP B 213 2.23 8.71 -7.05
CA ASP B 213 3.00 8.27 -5.89
C ASP B 213 2.23 7.18 -5.17
N SER B 214 2.74 6.73 -4.02
CA SER B 214 2.07 5.70 -3.26
C SER B 214 2.14 6.02 -1.77
N LYS B 215 0.98 5.98 -1.12
CA LYS B 215 0.86 6.30 0.28
C LYS B 215 -0.23 5.41 0.88
N GLY B 216 -0.41 5.50 2.20
CA GLY B 216 -1.48 4.78 2.86
C GLY B 216 -2.19 5.61 3.93
N TYR B 217 -3.47 5.29 4.18
CA TYR B 217 -4.18 5.81 5.35
C TYR B 217 -3.95 4.85 6.52
N GLY B 218 -3.82 5.40 7.72
CA GLY B 218 -3.67 4.55 8.89
C GLY B 218 -4.53 5.01 10.04
N VAL B 219 -4.81 4.10 10.98
CA VAL B 219 -5.50 4.41 12.21
C VAL B 219 -4.45 4.88 13.21
N ALA B 220 -4.66 6.05 13.79
CA ALA B 220 -3.65 6.72 14.61
C ALA B 220 -3.98 6.74 16.09
N THR B 221 -2.94 6.78 16.91
CA THR B 221 -3.04 6.80 18.37
C THR B 221 -1.94 7.69 18.89
N PRO B 222 -2.07 8.17 20.13
CA PRO B 222 -1.03 9.02 20.71
C PRO B 222 0.27 8.26 20.88
N LYS B 223 1.39 8.92 20.68
CA LYS B 223 2.71 8.33 20.86
C LYS B 223 2.74 7.47 22.13
N GLY B 224 3.13 6.22 22.00
CA GLY B 224 3.34 5.36 23.16
C GLY B 224 2.09 4.88 23.87
N SER B 225 0.93 5.10 23.25
CA SER B 225 -0.34 4.66 23.82
C SER B 225 -0.40 3.15 24.01
N ALA B 226 -0.99 2.72 25.12
CA ALA B 226 -1.11 1.28 25.38
C ALA B 226 -2.04 0.57 24.40
N LEU B 227 -2.78 1.34 23.60
CA LEU B 227 -3.74 0.79 22.65
C LEU B 227 -3.15 0.60 21.27
N GLY B 228 -1.99 1.20 21.03
CA GLY B 228 -1.34 1.11 19.73
C GLY B 228 -1.11 -0.30 19.19
N ASN B 229 -0.54 -1.15 20.04
CA ASN B 229 -0.22 -2.52 19.68
C ASN B 229 -1.43 -3.33 19.22
N ALA B 230 -2.54 -3.22 19.96
CA ALA B 230 -3.71 -4.03 19.60
C ALA B 230 -4.44 -3.46 18.41
N VAL B 231 -4.40 -2.14 18.26
CA VAL B 231 -5.06 -1.52 17.11
C VAL B 231 -4.35 -1.95 15.82
N ASN B 232 -3.03 -1.98 15.85
CA ASN B 232 -2.27 -2.41 14.68
C ASN B 232 -2.54 -3.85 14.30
N LEU B 233 -2.55 -4.73 15.30
CA LEU B 233 -2.79 -6.14 15.03
C LEU B 233 -4.23 -6.35 14.56
N ALA B 234 -5.15 -5.54 15.08
CA ALA B 234 -6.53 -5.58 14.61
C ALA B 234 -6.64 -5.20 13.13
N VAL B 235 -5.95 -4.14 12.72
CA VAL B 235 -6.00 -3.76 11.32
C VAL B 235 -5.45 -4.87 10.42
N LEU B 236 -4.35 -5.51 10.85
CA LEU B 236 -3.76 -6.59 10.05
C LEU B 236 -4.70 -7.78 9.92
N LYS B 237 -5.33 -8.17 11.03
CA LYS B 237 -6.30 -9.26 10.99
C LYS B 237 -7.45 -8.94 10.03
N LEU B 238 -7.98 -7.72 10.12
CA LEU B 238 -9.09 -7.30 9.27
C LEU B 238 -8.74 -7.36 7.79
N ASN B 239 -7.55 -6.98 7.51
CA ASN B 239 -7.09 -7.13 6.14
C ASN B 239 -7.03 -8.61 5.76
N GLU B 240 -6.44 -9.38 6.51
CA GLU B 240 -6.28 -10.79 6.20
C GLU B 240 -7.62 -11.54 6.13
N GLN B 241 -8.61 -11.06 6.88
CA GLN B 241 -9.98 -11.60 6.84
C GLN B 241 -10.76 -11.17 5.60
N GLY B 242 -10.21 -10.21 4.87
CA GLY B 242 -10.86 -9.70 3.67
C GLY B 242 -11.88 -8.61 3.97
N LEU B 243 -11.85 -8.17 5.08
CA LEU B 243 -13.00 -7.30 5.44
C LEU B 243 -12.78 -5.83 5.06
N LEU B 244 -11.53 -5.48 4.94
CA LEU B 244 -11.19 -4.15 4.45
C LEU B 244 -11.58 -4.00 2.96
N ASP B 245 -11.33 -5.05 2.19
CA ASP B 245 -11.72 -5.03 0.81
C ASP B 245 -13.24 -5.05 0.66
N LYS B 246 -13.89 -5.79 1.55
CA LYS B 246 -15.34 -5.85 1.58
C LYS B 246 -15.97 -4.47 1.83
N LEU B 247 -15.40 -3.73 2.78
CA LEU B 247 -15.85 -2.37 3.10
C LEU B 247 -15.64 -1.38 1.94
N LYS B 248 -14.45 -1.38 1.34
CA LYS B 248 -14.22 -0.58 0.13
C LYS B 248 -15.28 -0.83 -0.94
N ASN B 249 -15.52 -2.09 -1.26
CA ASN B 249 -16.49 -2.40 -2.30
C ASN B 249 -17.90 -1.94 -1.92
N LYS B 250 -18.24 -2.10 -0.66
CA LYS B 250 -19.56 -1.75 -0.16
C LYS B 250 -19.81 -0.26 -0.31
N TRP B 251 -18.86 0.57 0.15
CA TRP B 251 -19.08 2.01 0.17
C TRP B 251 -18.76 2.73 -1.14
N TRP B 252 -17.93 2.14 -1.98
CA TRP B 252 -17.57 2.76 -3.26
C TRP B 252 -18.42 2.25 -4.43
N TYR B 253 -18.62 0.93 -4.46
CA TYR B 253 -19.18 0.30 -5.65
C TYR B 253 -20.61 -0.25 -5.50
N ASP B 254 -20.90 -0.97 -4.42
CA ASP B 254 -22.27 -1.40 -4.17
C ASP B 254 -23.20 -0.21 -3.98
N LYS B 255 -22.69 0.84 -3.34
CA LYS B 255 -23.50 2.03 -3.08
C LYS B 255 -23.29 3.11 -4.14
N GLY B 256 -22.66 2.74 -5.25
CA GLY B 256 -22.39 3.64 -6.36
C GLY B 256 -23.61 3.97 -7.20
N GLU B 257 -23.50 5.00 -8.04
CA GLU B 257 -24.64 5.49 -8.81
C GLU B 257 -24.36 5.51 -10.31
N CYS B 258 -23.14 5.18 -10.70
CA CYS B 258 -22.73 5.31 -12.09
C CYS B 258 -22.44 3.98 -12.76
C1 CNI C . 6.76 -14.49 1.60
C2 CNI C . 7.34 -13.13 1.81
C3 CNI C . 7.23 -14.28 -0.69
C4 CNI C . 7.78 -13.02 -0.49
C5 CNI C . 7.20 -14.82 -1.97
C6 CNI C . 8.29 -12.30 -1.57
C8 CNI C . 8.25 -12.84 -2.84
O1 CNI C . 6.30 -15.16 2.54
O2 CNI C . 7.41 -12.61 2.94
N2 CNI C . 7.83 -12.46 0.74
N1 CNI C . 6.74 -14.99 0.35
C7 CNI C . 7.71 -14.10 -3.06
N3 CNI C . 7.68 -14.66 -4.35
O3 CNI C . 8.37 -15.63 -4.61
O5 CNI C . 6.97 -14.16 -5.23
C CNI C . 8.73 -12.18 -3.83
N17 CNI C . 9.05 -11.60 -4.78
ZN ZN D . 28.03 -18.08 -5.97
ZN ZN E . 18.89 9.38 1.24
C1 CNI F . -4.85 14.69 4.38
C2 CNI F . -5.15 13.36 4.97
C3 CNI F . -6.60 14.36 2.86
C4 CNI F . -6.89 13.11 3.41
C5 CNI F . -7.36 14.82 1.78
C6 CNI F . -7.93 12.34 2.91
C8 CNI F . -8.69 12.81 1.84
O1 CNI F . -3.93 15.40 4.80
O2 CNI F . -4.51 12.90 5.94
N2 CNI F . -6.17 12.63 4.45
N1 CNI F . -5.60 15.11 3.34
C7 CNI F . -8.41 14.05 1.27
N3 CNI F . -9.17 14.52 0.19
O3 CNI F . -9.91 15.49 0.35
O5 CNI F . -9.14 13.97 -0.90
C CNI F . -9.64 12.09 1.37
N17 CNI F . -10.46 11.46 0.86
#